data_8C70
#
_entry.id   8C70
#
_cell.length_a   45.510
_cell.length_b   74.060
_cell.length_c   53.700
_cell.angle_alpha   90.000
_cell.angle_beta   110.160
_cell.angle_gamma   90.000
#
_symmetry.space_group_name_H-M   'P 1 21 1'
#
loop_
_entity.id
_entity.type
_entity.pdbx_description
1 polymer Endothiapepsin
2 non-polymer (3~{R},4~{R})-4-[4-[(5-bromanylpyridin-3-yl)oxymethyl]-1,2,3-triazol-1-yl]pyrrolidin-3-ol
3 water water
#
_entity_poly.entity_id   1
_entity_poly.type   'polypeptide(L)'
_entity_poly.pdbx_seq_one_letter_code
;MSSPLKNALVTAMLAGGALSSPTKQHVGIPVNASPEVGPGKYSFKQVRNPNYKFNGPLSVKKTYLKYGVPIPAWLEDAVQ
NSTSGLAERSTGSATTTPIDSLDDAYITPVQIGTPAQTLNLDFDTGSSDLWVFSSETTASEVDGQTIYTPSKSTTAKLLS
GATWSISYGDGSSSSGDVYTDTVSVGGLTVTGQAVESAKKVSSSFTEDSTIDGLLGLAFSTLNTVSPTQQKTFFDNAKAS
LDSPVFTADLGYHAPGTYNFGFIDTTAYTGSITYTAVSTKQGFWEWTSTGYAVGSGTFKSTSIDGIADTGTTLLYLPATV
VSAYWAQVSGAKSSSSVGGYVFPCSATLPSFTFGVGSARIVIPGDYIDFGPISTGSSSCFGGIQSSAGIGINIFGDVALK
AAFVVFNGATTPTLGFASK
;
_entity_poly.pdbx_strand_id   A
#
loop_
_chem_comp.id
_chem_comp.type
_chem_comp.name
_chem_comp.formula
TVI non-polymer (3~{R},4~{R})-4-[4-[(5-bromanylpyridin-3-yl)oxymethyl]-1,2,3-triazol-1-yl]pyrrolidin-3-ol 'C12 H14 Br N5 O2'
#
# COMPACT_ATOMS: atom_id res chain seq x y z
N SER A 90 -13.53 -13.91 14.67
CA SER A 90 -13.98 -13.69 13.30
C SER A 90 -12.79 -13.59 12.36
N THR A 91 -13.06 -13.70 11.07
CA THR A 91 -12.06 -13.50 10.03
C THR A 91 -12.72 -12.81 8.84
N GLY A 92 -11.89 -12.32 7.93
CA GLY A 92 -12.36 -11.79 6.67
C GLY A 92 -11.33 -12.06 5.60
N SER A 93 -11.79 -12.15 4.35
CA SER A 93 -10.90 -12.41 3.23
C SER A 93 -11.47 -11.76 1.98
N ALA A 94 -10.64 -10.99 1.27
CA ALA A 94 -11.10 -10.31 0.07
C ALA A 94 -10.01 -10.32 -0.98
N THR A 95 -10.44 -10.44 -2.24
CA THR A 95 -9.51 -10.41 -3.37
C THR A 95 -9.12 -8.97 -3.70
N THR A 96 -7.84 -8.75 -3.97
CA THR A 96 -7.35 -7.44 -4.37
C THR A 96 -6.78 -7.55 -5.78
N THR A 97 -7.03 -6.50 -6.59
CA THR A 97 -6.82 -6.55 -8.04
C THR A 97 -5.97 -5.37 -8.51
N PRO A 98 -4.98 -5.59 -9.37
CA PRO A 98 -4.25 -4.46 -9.93
C PRO A 98 -5.18 -3.55 -10.73
N ILE A 99 -4.97 -2.24 -10.60
CA ILE A 99 -5.84 -1.30 -11.30
C ILE A 99 -5.48 -1.15 -12.78
N ASP A 100 -4.28 -1.56 -13.19
CA ASP A 100 -3.87 -1.45 -14.59
C ASP A 100 -2.80 -2.49 -14.87
N SER A 101 -2.27 -2.46 -16.09
CA SER A 101 -1.32 -3.47 -16.55
C SER A 101 0.06 -3.34 -15.90
N LEU A 102 0.31 -2.25 -15.17
CA LEU A 102 1.60 -2.02 -14.54
C LEU A 102 1.60 -2.29 -13.05
N ASP A 103 0.48 -2.77 -12.49
CA ASP A 103 0.34 -2.92 -11.04
C ASP A 103 0.63 -1.60 -10.32
N ASP A 104 0.11 -0.50 -10.85
CA ASP A 104 0.36 0.80 -10.24
C ASP A 104 -0.26 0.90 -8.86
N ALA A 105 -1.35 0.18 -8.63
CA ALA A 105 -2.03 0.15 -7.34
C ALA A 105 -3.00 -1.02 -7.36
N TYR A 106 -3.58 -1.31 -6.19
CA TYR A 106 -4.47 -2.46 -6.02
C TYR A 106 -5.77 -2.01 -5.36
N ILE A 107 -6.90 -2.53 -5.85
CA ILE A 107 -8.20 -2.19 -5.28
C ILE A 107 -8.86 -3.44 -4.72
N THR A 108 -9.65 -3.24 -3.66
CA THR A 108 -10.30 -4.31 -2.91
C THR A 108 -11.72 -3.85 -2.63
N PRO A 109 -12.73 -4.66 -2.95
CA PRO A 109 -14.12 -4.23 -2.73
C PRO A 109 -14.47 -4.17 -1.25
N VAL A 110 -15.19 -3.11 -0.86
CA VAL A 110 -15.57 -2.85 0.53
C VAL A 110 -17.05 -2.47 0.54
N GLN A 111 -17.81 -3.08 1.46
CA GLN A 111 -19.23 -2.76 1.63
C GLN A 111 -19.41 -1.70 2.72
N ILE A 112 -20.12 -0.62 2.40
CA ILE A 112 -20.33 0.50 3.31
C ILE A 112 -21.83 0.78 3.42
N GLY A 113 -22.34 0.83 4.65
CA GLY A 113 -23.69 1.31 4.87
C GLY A 113 -24.76 0.23 4.74
N THR A 114 -26.02 0.68 4.87
CA THR A 114 -27.19 -0.18 4.84
C THR A 114 -28.28 0.48 4.01
N PRO A 115 -28.69 -0.14 2.88
CA PRO A 115 -28.11 -1.33 2.27
C PRO A 115 -26.67 -1.09 1.83
N ALA A 116 -25.93 -2.15 1.55
CA ALA A 116 -24.51 -2.01 1.23
C ALA A 116 -24.30 -1.17 -0.02
N GLN A 117 -23.35 -0.25 0.06
CA GLN A 117 -22.78 0.42 -1.10
C GLN A 117 -21.36 -0.09 -1.25
N THR A 118 -21.09 -0.79 -2.34
CA THR A 118 -19.77 -1.40 -2.56
C THR A 118 -18.88 -0.41 -3.30
N LEU A 119 -17.77 -0.04 -2.66
CA LEU A 119 -16.74 0.79 -3.26
C LEU A 119 -15.43 0.02 -3.31
N ASN A 120 -14.62 0.27 -4.33
CA ASN A 120 -13.33 -0.39 -4.51
C ASN A 120 -12.25 0.52 -3.92
N LEU A 121 -11.65 0.09 -2.81
CA LEU A 121 -10.76 0.94 -2.05
C LEU A 121 -9.30 0.48 -2.17
N ASP A 122 -8.40 1.44 -2.04
CA ASP A 122 -6.96 1.21 -2.04
C ASP A 122 -6.53 0.94 -0.61
N PHE A 123 -6.31 -0.34 -0.28
CA PHE A 123 -5.82 -0.71 1.05
C PHE A 123 -4.38 -0.20 1.23
N ASP A 124 -4.16 0.65 2.22
CA ASP A 124 -2.94 1.46 2.31
C ASP A 124 -2.31 1.30 3.70
N THR A 125 -1.28 0.46 3.82
CA THR A 125 -0.61 0.30 5.10
C THR A 125 0.33 1.45 5.44
N GLY A 126 0.34 2.50 4.60
CA GLY A 126 1.11 3.70 4.86
C GLY A 126 0.31 4.90 5.31
N SER A 127 -1.00 4.75 5.52
CA SER A 127 -1.83 5.86 6.01
C SER A 127 -2.93 5.26 6.88
N SER A 128 -3.73 6.14 7.50
CA SER A 128 -4.62 5.65 8.57
C SER A 128 -6.00 6.28 8.51
N ASP A 129 -6.42 6.77 7.35
CA ASP A 129 -7.75 7.31 7.14
C ASP A 129 -8.49 6.41 6.15
N LEU A 130 -9.76 6.11 6.47
CA LEU A 130 -10.67 5.49 5.52
C LEU A 130 -11.52 6.61 4.93
N TRP A 131 -11.23 7.00 3.69
CA TRP A 131 -11.98 8.07 3.04
C TRP A 131 -12.48 7.63 1.68
N VAL A 132 -13.60 8.20 1.25
CA VAL A 132 -14.28 7.75 0.05
C VAL A 132 -14.74 8.94 -0.78
N PHE A 133 -14.71 8.78 -2.10
CA PHE A 133 -15.50 9.63 -2.98
C PHE A 133 -16.96 9.54 -2.55
N SER A 134 -17.66 10.66 -2.62
CA SER A 134 -19.00 10.71 -2.04
C SER A 134 -19.90 11.65 -2.83
N SER A 135 -21.18 11.62 -2.47
CA SER A 135 -22.15 12.57 -3.01
C SER A 135 -21.79 14.01 -2.65
N GLU A 136 -20.89 14.21 -1.68
CA GLU A 136 -20.43 15.52 -1.28
C GLU A 136 -19.21 16.01 -2.03
N THR A 137 -18.54 15.13 -2.78
CA THR A 137 -17.33 15.53 -3.50
C THR A 137 -17.67 16.54 -4.58
N THR A 138 -16.87 17.61 -4.67
CA THR A 138 -17.03 18.59 -5.73
C THR A 138 -17.18 17.92 -7.09
N ALA A 139 -18.25 18.27 -7.80
CA ALA A 139 -18.64 17.53 -9.00
C ALA A 139 -17.53 17.49 -10.04
N SER A 140 -16.82 18.60 -10.22
CA SER A 140 -15.73 18.65 -11.19
C SER A 140 -14.56 17.76 -10.81
N GLU A 141 -14.50 17.28 -9.57
CA GLU A 141 -13.41 16.43 -9.11
C GLU A 141 -13.77 14.96 -9.08
N VAL A 142 -14.97 14.59 -9.55
CA VAL A 142 -15.39 13.21 -9.70
C VAL A 142 -15.40 12.88 -11.20
N ASP A 143 -14.76 11.77 -11.56
CA ASP A 143 -14.65 11.39 -12.98
C ASP A 143 -14.59 9.87 -13.07
N GLY A 144 -15.74 9.22 -12.87
CA GLY A 144 -15.86 7.79 -13.06
C GLY A 144 -15.92 6.99 -11.77
N GLN A 145 -15.55 7.58 -10.64
CA GLN A 145 -15.53 6.84 -9.38
C GLN A 145 -16.95 6.50 -8.92
N THR A 146 -17.07 5.39 -8.19
CA THR A 146 -18.28 5.08 -7.46
C THR A 146 -18.29 5.88 -6.16
N ILE A 147 -19.42 6.51 -5.84
CA ILE A 147 -19.51 7.41 -4.71
C ILE A 147 -20.33 6.77 -3.60
N TYR A 148 -19.99 7.12 -2.36
CA TYR A 148 -20.77 6.79 -1.19
C TYR A 148 -21.77 7.92 -0.97
N THR A 149 -23.05 7.56 -0.77
CA THR A 149 -24.11 8.53 -0.53
C THR A 149 -24.65 8.29 0.86
N PRO A 150 -24.15 9.00 1.87
CA PRO A 150 -24.55 8.69 3.26
C PRO A 150 -26.04 8.86 3.51
N SER A 151 -26.71 9.76 2.77
CA SER A 151 -28.13 9.97 2.99
C SER A 151 -28.96 8.74 2.64
N LYS A 152 -28.40 7.82 1.85
CA LYS A 152 -29.09 6.59 1.47
C LYS A 152 -28.72 5.40 2.35
N SER A 153 -27.89 5.62 3.37
CA SER A 153 -27.53 4.57 4.32
C SER A 153 -28.27 4.83 5.63
N THR A 154 -29.14 3.89 6.02
CA THR A 154 -29.93 4.05 7.24
C THR A 154 -29.09 3.91 8.50
N THR A 155 -27.85 3.45 8.40
CA THR A 155 -26.96 3.34 9.54
C THR A 155 -25.91 4.45 9.59
N ALA A 156 -25.90 5.35 8.61
CA ALA A 156 -24.93 6.44 8.58
C ALA A 156 -25.34 7.56 9.53
N LYS A 157 -24.36 8.12 10.25
N LYS A 157 -24.36 8.11 10.24
CA LYS A 157 -24.62 9.21 11.16
CA LYS A 157 -24.59 9.19 11.19
C LYS A 157 -23.48 10.21 11.06
C LYS A 157 -23.47 10.22 11.04
N LEU A 158 -23.84 11.48 10.84
CA LEU A 158 -22.83 12.53 10.74
C LEU A 158 -22.12 12.70 12.07
N LEU A 159 -20.79 12.74 12.04
CA LEU A 159 -20.00 12.93 13.24
C LEU A 159 -19.86 14.43 13.46
N SER A 160 -20.58 14.95 14.44
CA SER A 160 -20.76 16.40 14.54
C SER A 160 -19.44 17.13 14.79
N GLY A 161 -19.15 18.10 13.92
CA GLY A 161 -17.98 18.94 14.06
C GLY A 161 -16.68 18.32 13.60
N ALA A 162 -16.69 17.09 13.10
CA ALA A 162 -15.46 16.41 12.72
C ALA A 162 -15.14 16.65 11.25
N THR A 163 -13.90 17.04 10.97
CA THR A 163 -13.39 17.18 9.63
C THR A 163 -12.07 16.42 9.51
N TRP A 164 -11.61 16.26 8.27
CA TRP A 164 -10.36 15.59 8.02
C TRP A 164 -9.67 16.25 6.84
N SER A 165 -8.35 16.14 6.81
CA SER A 165 -7.55 16.70 5.73
C SER A 165 -6.22 15.97 5.74
N ILE A 166 -5.81 15.48 4.58
CA ILE A 166 -4.60 14.66 4.48
C ILE A 166 -3.74 15.17 3.34
N SER A 167 -2.44 15.29 3.58
CA SER A 167 -1.45 15.68 2.58
C SER A 167 -0.46 14.53 2.46
N TYR A 168 -0.52 13.81 1.35
CA TYR A 168 0.31 12.62 1.21
C TYR A 168 1.71 12.98 0.72
N GLY A 169 2.65 12.07 0.98
CA GLY A 169 4.04 12.28 0.60
C GLY A 169 4.26 12.42 -0.90
N ASP A 170 3.35 11.89 -1.72
CA ASP A 170 3.48 12.02 -3.16
C ASP A 170 2.85 13.30 -3.70
N GLY A 171 2.44 14.22 -2.83
CA GLY A 171 1.89 15.49 -3.24
C GLY A 171 0.40 15.53 -3.43
N SER A 172 -0.29 14.41 -3.26
CA SER A 172 -1.74 14.37 -3.40
C SER A 172 -2.41 14.70 -2.06
N SER A 173 -3.72 14.95 -2.12
CA SER A 173 -4.43 15.40 -0.93
C SER A 173 -5.92 15.18 -1.10
N SER A 174 -6.63 15.20 0.03
CA SER A 174 -8.08 15.13 0.05
C SER A 174 -8.55 15.61 1.42
N SER A 175 -9.83 15.98 1.51
CA SER A 175 -10.40 16.51 2.75
C SER A 175 -11.92 16.44 2.69
N GLY A 176 -12.55 16.52 3.87
CA GLY A 176 -14.00 16.51 3.92
C GLY A 176 -14.52 16.45 5.35
N ASP A 177 -15.72 15.86 5.50
CA ASP A 177 -16.35 15.65 6.79
C ASP A 177 -16.41 14.15 7.07
N VAL A 178 -17.09 13.77 8.16
CA VAL A 178 -16.97 12.42 8.69
C VAL A 178 -18.35 11.87 9.04
N TYR A 179 -18.59 10.62 8.66
CA TYR A 179 -19.72 9.84 9.13
C TYR A 179 -19.21 8.60 9.85
N THR A 180 -20.06 8.03 10.69
CA THR A 180 -19.85 6.67 11.17
C THR A 180 -20.86 5.77 10.49
N ASP A 181 -20.42 4.57 10.09
CA ASP A 181 -21.30 3.66 9.38
C ASP A 181 -20.74 2.25 9.52
N THR A 182 -21.50 1.28 9.03
CA THR A 182 -21.07 -0.11 9.03
CA THR A 182 -21.07 -0.11 9.03
C THR A 182 -20.21 -0.38 7.80
N VAL A 183 -19.07 -1.04 8.01
CA VAL A 183 -18.12 -1.35 6.95
C VAL A 183 -17.74 -2.82 7.03
N SER A 184 -17.81 -3.52 5.90
CA SER A 184 -17.47 -4.93 5.84
C SER A 184 -16.44 -5.18 4.74
N VAL A 185 -15.48 -6.06 5.04
CA VAL A 185 -14.46 -6.49 4.09
C VAL A 185 -14.49 -8.01 4.07
N GLY A 186 -14.96 -8.57 2.96
CA GLY A 186 -14.93 -10.01 2.76
C GLY A 186 -15.44 -10.86 3.90
N GLY A 187 -16.60 -10.50 4.45
CA GLY A 187 -17.22 -11.24 5.53
C GLY A 187 -16.96 -10.71 6.92
N LEU A 188 -16.04 -9.75 7.08
CA LEU A 188 -15.70 -9.19 8.38
C LEU A 188 -16.33 -7.82 8.53
N THR A 189 -17.10 -7.62 9.60
CA THR A 189 -17.94 -6.44 9.75
C THR A 189 -17.55 -5.62 10.97
N VAL A 190 -17.44 -4.30 10.77
CA VAL A 190 -17.20 -3.33 11.85
C VAL A 190 -18.36 -2.33 11.86
N THR A 191 -19.03 -2.19 13.00
CA THR A 191 -20.04 -1.16 13.14
C THR A 191 -19.41 0.09 13.74
N GLY A 192 -19.95 1.26 13.35
CA GLY A 192 -19.42 2.51 13.87
C GLY A 192 -18.05 2.88 13.38
N GLN A 193 -17.67 2.40 12.19
CA GLN A 193 -16.42 2.81 11.58
C GLN A 193 -16.51 4.25 11.09
N ALA A 194 -15.45 5.02 11.35
CA ALA A 194 -15.37 6.37 10.78
C ALA A 194 -15.16 6.27 9.26
N VAL A 195 -16.12 6.78 8.50
CA VAL A 195 -16.03 6.83 7.05
C VAL A 195 -15.88 8.30 6.67
N GLU A 196 -14.71 8.67 6.18
CA GLU A 196 -14.40 10.07 5.91
C GLU A 196 -14.86 10.42 4.50
N SER A 197 -15.83 11.31 4.40
CA SER A 197 -16.46 11.66 3.14
C SER A 197 -15.73 12.83 2.49
N ALA A 198 -15.22 12.63 1.28
CA ALA A 198 -14.42 13.66 0.63
C ALA A 198 -15.31 14.78 0.08
N LYS A 199 -14.97 16.02 0.43
CA LYS A 199 -15.49 17.18 -0.28
C LYS A 199 -14.56 17.65 -1.36
N LYS A 200 -13.25 17.46 -1.17
CA LYS A 200 -12.24 17.84 -2.15
C LYS A 200 -11.23 16.72 -2.29
N VAL A 201 -10.79 16.48 -3.52
CA VAL A 201 -9.66 15.59 -3.79
C VAL A 201 -8.76 16.27 -4.81
N SER A 202 -7.46 15.96 -4.74
CA SER A 202 -6.52 16.52 -5.70
C SER A 202 -6.61 15.79 -7.03
N SER A 203 -5.93 16.35 -8.04
CA SER A 203 -6.14 15.92 -9.42
C SER A 203 -5.78 14.45 -9.64
N SER A 204 -4.75 13.95 -8.95
CA SER A 204 -4.34 12.56 -9.17
C SER A 204 -5.45 11.58 -8.80
N PHE A 205 -6.19 11.87 -7.73
CA PHE A 205 -7.32 11.03 -7.39
C PHE A 205 -8.43 11.13 -8.42
N THR A 206 -8.74 12.36 -8.86
CA THR A 206 -9.77 12.55 -9.88
C THR A 206 -9.45 11.78 -11.15
N GLU A 207 -8.19 11.84 -11.58
CA GLU A 207 -7.78 11.24 -12.84
C GLU A 207 -7.72 9.72 -12.79
N ASP A 208 -7.90 9.10 -11.63
CA ASP A 208 -7.87 7.65 -11.49
C ASP A 208 -9.28 7.15 -11.18
N SER A 209 -10.00 6.78 -12.23
CA SER A 209 -11.39 6.37 -12.08
C SER A 209 -11.56 5.00 -11.41
N THR A 210 -10.47 4.26 -11.19
CA THR A 210 -10.52 2.90 -10.67
CA THR A 210 -10.57 2.90 -10.65
C THR A 210 -10.52 2.85 -9.13
N ILE A 211 -10.11 3.92 -8.47
CA ILE A 211 -9.96 3.95 -7.02
C ILE A 211 -11.04 4.86 -6.43
N ASP A 212 -11.94 4.28 -5.66
CA ASP A 212 -13.07 4.99 -5.05
C ASP A 212 -12.74 5.57 -3.68
N GLY A 213 -11.53 5.35 -3.19
CA GLY A 213 -11.15 5.83 -1.88
C GLY A 213 -10.01 4.99 -1.34
N LEU A 214 -9.66 5.29 -0.09
CA LEU A 214 -8.57 4.61 0.59
C LEU A 214 -9.07 3.96 1.88
N LEU A 215 -8.45 2.85 2.25
CA LEU A 215 -8.70 2.21 3.54
C LEU A 215 -7.33 2.13 4.23
N GLY A 216 -7.11 2.99 5.21
CA GLY A 216 -5.81 3.04 5.87
C GLY A 216 -5.59 1.87 6.82
N LEU A 217 -4.37 1.33 6.80
CA LEU A 217 -3.99 0.22 7.65
C LEU A 217 -2.68 0.48 8.40
N ALA A 218 -2.19 1.70 8.43
CA ALA A 218 -1.12 2.07 9.34
C ALA A 218 -1.71 2.24 10.74
N PHE A 219 -0.94 2.81 11.66
CA PHE A 219 -1.38 2.90 13.04
C PHE A 219 -2.24 4.14 13.25
N SER A 220 -3.23 4.00 14.16
CA SER A 220 -4.27 5.01 14.30
C SER A 220 -3.75 6.36 14.77
N THR A 221 -2.51 6.42 15.28
CA THR A 221 -1.95 7.71 15.66
C THR A 221 -1.82 8.67 14.48
N LEU A 222 -1.80 8.15 13.25
CA LEU A 222 -1.70 8.99 12.06
C LEU A 222 -3.04 9.49 11.53
N ASN A 223 -4.17 9.04 12.10
CA ASN A 223 -5.47 9.45 11.58
C ASN A 223 -5.66 10.96 11.72
N THR A 224 -6.20 11.59 10.67
CA THR A 224 -6.24 13.05 10.58
C THR A 224 -7.54 13.68 11.04
N VAL A 225 -8.52 12.89 11.51
CA VAL A 225 -9.80 13.47 11.88
C VAL A 225 -9.62 14.39 13.08
N SER A 226 -10.17 15.61 12.97
CA SER A 226 -10.10 16.65 13.97
C SER A 226 -11.51 17.13 14.28
N PRO A 227 -11.81 17.49 15.53
CA PRO A 227 -10.91 17.57 16.68
C PRO A 227 -10.75 16.27 17.47
N THR A 228 -11.40 15.19 17.03
CA THR A 228 -11.34 13.90 17.71
C THR A 228 -10.84 12.83 16.73
N GLN A 229 -9.61 12.37 16.95
CA GLN A 229 -9.02 11.33 16.09
C GLN A 229 -9.87 10.06 16.11
N GLN A 230 -9.87 9.34 14.98
CA GLN A 230 -10.65 8.13 14.80
C GLN A 230 -9.74 6.93 14.52
N LYS A 231 -10.29 5.73 14.74
CA LYS A 231 -9.53 4.49 14.64
C LYS A 231 -9.67 3.86 13.26
N THR A 232 -8.64 3.10 12.87
CA THR A 232 -8.67 2.41 11.59
C THR A 232 -9.60 1.20 11.64
N PHE A 233 -9.95 0.72 10.46
CA PHE A 233 -10.78 -0.49 10.34
C PHE A 233 -10.14 -1.68 11.06
N PHE A 234 -8.83 -1.85 10.90
CA PHE A 234 -8.14 -2.96 11.56
C PHE A 234 -8.14 -2.79 13.07
N ASP A 235 -7.93 -1.55 13.55
CA ASP A 235 -7.99 -1.31 14.99
C ASP A 235 -9.37 -1.64 15.55
N ASN A 236 -10.42 -1.20 14.85
CA ASN A 236 -11.78 -1.48 15.31
C ASN A 236 -12.10 -2.97 15.29
N ALA A 237 -11.59 -3.70 14.30
CA ALA A 237 -11.89 -5.12 14.18
C ALA A 237 -11.01 -6.00 15.06
N LYS A 238 -9.88 -5.47 15.52
CA LYS A 238 -8.78 -6.30 16.01
C LYS A 238 -9.21 -7.22 17.14
N ALA A 239 -9.98 -6.71 18.10
CA ALA A 239 -10.32 -7.51 19.28
C ALA A 239 -11.19 -8.70 18.93
N SER A 240 -11.98 -8.59 17.85
CA SER A 240 -12.88 -9.67 17.46
C SER A 240 -12.23 -10.71 16.57
N LEU A 241 -11.09 -10.39 15.95
CA LEU A 241 -10.43 -11.34 15.06
C LEU A 241 -9.90 -12.54 15.84
N ASP A 242 -9.86 -13.70 15.17
CA ASP A 242 -9.28 -14.88 15.77
C ASP A 242 -7.85 -14.61 16.24
N SER A 243 -7.06 -13.93 15.40
CA SER A 243 -5.73 -13.45 15.73
CA SER A 243 -5.73 -13.45 15.71
C SER A 243 -5.62 -12.00 15.28
N PRO A 244 -4.96 -11.14 16.07
CA PRO A 244 -4.92 -9.70 15.75
C PRO A 244 -3.93 -9.39 14.61
N VAL A 245 -4.22 -9.93 13.42
CA VAL A 245 -3.28 -9.90 12.31
CA VAL A 245 -3.28 -9.86 12.31
C VAL A 245 -4.06 -9.64 11.01
N PHE A 246 -3.36 -9.08 10.02
CA PHE A 246 -3.85 -9.12 8.65
C PHE A 246 -2.68 -9.41 7.74
N THR A 247 -2.96 -9.97 6.56
CA THR A 247 -1.89 -10.34 5.65
C THR A 247 -2.14 -9.75 4.27
N ALA A 248 -1.05 -9.38 3.61
CA ALA A 248 -1.08 -8.83 2.25
C ALA A 248 -0.39 -9.80 1.31
N ASP A 249 -1.11 -10.23 0.28
CA ASP A 249 -0.62 -11.16 -0.73
C ASP A 249 -0.93 -10.53 -2.08
N LEU A 250 -0.08 -9.60 -2.52
CA LEU A 250 -0.32 -8.86 -3.75
C LEU A 250 0.22 -9.67 -4.93
N GLY A 251 -0.55 -9.71 -6.01
CA GLY A 251 -0.16 -10.45 -7.20
C GLY A 251 0.66 -9.60 -8.17
N TYR A 252 1.52 -10.28 -8.94
CA TYR A 252 2.20 -9.67 -10.07
C TYR A 252 1.35 -9.91 -11.31
N HIS A 253 0.76 -8.84 -11.85
CA HIS A 253 -0.12 -8.93 -13.01
C HIS A 253 -1.24 -9.94 -12.79
N ALA A 254 -1.72 -10.07 -11.56
CA ALA A 254 -2.64 -11.14 -11.21
C ALA A 254 -3.38 -10.77 -9.93
N PRO A 255 -4.53 -11.40 -9.66
CA PRO A 255 -5.24 -11.14 -8.40
C PRO A 255 -4.43 -11.59 -7.20
N GLY A 256 -4.82 -11.03 -6.04
CA GLY A 256 -4.21 -11.37 -4.78
C GLY A 256 -5.23 -11.35 -3.66
N THR A 257 -4.77 -11.32 -2.41
CA THR A 257 -5.68 -11.50 -1.28
C THR A 257 -5.23 -10.67 -0.08
N TYR A 258 -6.20 -10.02 0.57
CA TYR A 258 -6.03 -9.48 1.91
C TYR A 258 -6.85 -10.35 2.86
N ASN A 259 -6.20 -10.91 3.88
CA ASN A 259 -6.87 -11.71 4.90
C ASN A 259 -6.80 -10.98 6.24
N PHE A 260 -7.87 -11.08 7.02
CA PHE A 260 -7.92 -10.50 8.35
C PHE A 260 -8.19 -11.59 9.38
N GLY A 261 -7.34 -11.68 10.40
CA GLY A 261 -7.60 -12.56 11.51
C GLY A 261 -7.01 -13.95 11.41
N PHE A 262 -6.39 -14.32 10.29
CA PHE A 262 -5.80 -15.65 10.18
C PHE A 262 -4.65 -15.62 9.18
N ILE A 263 -3.77 -16.61 9.29
CA ILE A 263 -2.64 -16.79 8.39
C ILE A 263 -2.90 -18.03 7.55
N ASP A 264 -3.00 -17.84 6.23
CA ASP A 264 -3.24 -18.93 5.29
C ASP A 264 -1.91 -19.60 5.00
N THR A 265 -1.69 -20.77 5.62
CA THR A 265 -0.40 -21.43 5.48
C THR A 265 -0.19 -22.07 4.11
N THR A 266 -1.21 -22.12 3.27
CA THR A 266 -1.03 -22.60 1.91
C THR A 266 -0.63 -21.51 0.93
N ALA A 267 -0.53 -20.26 1.39
CA ALA A 267 -0.30 -19.12 0.52
C ALA A 267 1.17 -18.74 0.38
N TYR A 268 2.08 -19.48 1.00
CA TYR A 268 3.49 -19.13 0.93
C TYR A 268 4.31 -20.41 0.96
N THR A 269 5.59 -20.28 0.62
CA THR A 269 6.54 -21.37 0.70
C THR A 269 7.51 -21.12 1.85
N GLY A 270 8.15 -22.19 2.32
CA GLY A 270 9.10 -22.04 3.42
C GLY A 270 8.42 -21.55 4.68
N SER A 271 9.16 -20.76 5.45
CA SER A 271 8.68 -20.24 6.72
C SER A 271 8.54 -18.72 6.65
N ILE A 272 7.72 -18.19 7.55
CA ILE A 272 7.60 -16.75 7.74
C ILE A 272 8.68 -16.31 8.71
N THR A 273 9.48 -15.33 8.30
CA THR A 273 10.46 -14.69 9.18
C THR A 273 9.89 -13.38 9.69
N TYR A 274 9.85 -13.23 11.01
CA TYR A 274 9.30 -12.04 11.64
C TYR A 274 10.42 -11.10 12.06
N THR A 275 10.14 -9.80 12.02
CA THR A 275 11.14 -8.78 12.27
C THR A 275 10.50 -7.64 13.05
N ALA A 276 11.32 -6.94 13.84
CA ALA A 276 10.80 -5.94 14.76
C ALA A 276 10.22 -4.73 14.04
N VAL A 277 9.18 -4.14 14.63
CA VAL A 277 8.51 -2.97 14.10
C VAL A 277 8.64 -1.81 15.08
N SER A 278 8.94 -0.63 14.56
CA SER A 278 8.84 0.62 15.31
C SER A 278 7.58 1.35 14.88
N THR A 279 6.76 1.74 15.84
CA THR A 279 5.56 2.51 15.56
C THR A 279 5.73 4.01 15.83
N LYS A 280 6.98 4.46 16.01
CA LYS A 280 7.23 5.83 16.47
C LYS A 280 6.81 6.87 15.44
N GLN A 281 6.81 6.54 14.16
CA GLN A 281 6.30 7.43 13.12
C GLN A 281 4.92 7.03 12.64
N GLY A 282 4.28 6.06 13.30
CA GLY A 282 2.97 5.59 12.90
C GLY A 282 2.95 4.62 11.75
N PHE A 283 4.10 4.18 11.27
CA PHE A 283 4.20 3.28 10.12
C PHE A 283 4.54 1.87 10.58
N TRP A 284 4.37 0.92 9.67
CA TRP A 284 4.93 -0.42 9.84
C TRP A 284 6.40 -0.34 9.44
N GLU A 285 7.20 0.22 10.36
CA GLU A 285 8.60 0.57 10.10
C GLU A 285 9.50 -0.53 10.64
N TRP A 286 10.46 -0.95 9.83
CA TRP A 286 11.32 -2.08 10.17
C TRP A 286 12.70 -1.84 9.58
N THR A 287 13.63 -2.74 9.86
CA THR A 287 15.01 -2.60 9.37
C THR A 287 15.39 -3.84 8.57
N SER A 288 15.54 -3.66 7.25
CA SER A 288 16.07 -4.72 6.41
C SER A 288 17.55 -4.94 6.70
N THR A 289 17.99 -6.18 6.56
CA THR A 289 19.37 -6.55 6.87
C THR A 289 20.32 -6.39 5.67
N GLY A 290 19.82 -6.06 4.48
CA GLY A 290 20.72 -5.79 3.38
C GLY A 290 20.09 -6.15 2.05
N TYR A 291 20.95 -6.27 1.03
CA TYR A 291 20.44 -6.44 -0.32
C TYR A 291 21.46 -7.14 -1.20
N ALA A 292 20.98 -7.67 -2.32
CA ALA A 292 21.83 -8.16 -3.41
C ALA A 292 21.21 -7.77 -4.74
N VAL A 293 22.06 -7.61 -5.75
CA VAL A 293 21.62 -7.29 -7.11
C VAL A 293 21.88 -8.50 -7.99
N GLY A 294 20.83 -9.03 -8.61
CA GLY A 294 20.99 -10.21 -9.43
C GLY A 294 21.60 -11.35 -8.64
N SER A 295 22.58 -12.01 -9.27
CA SER A 295 23.30 -13.10 -8.62
CA SER A 295 23.32 -13.10 -8.63
C SER A 295 24.52 -12.61 -7.83
N GLY A 296 24.60 -11.31 -7.55
CA GLY A 296 25.75 -10.76 -6.85
C GLY A 296 25.76 -11.10 -5.37
N THR A 297 26.87 -10.74 -4.74
CA THR A 297 27.03 -11.02 -3.33
CA THR A 297 27.08 -10.98 -3.31
C THR A 297 26.10 -10.16 -2.49
N PHE A 298 25.57 -10.75 -1.42
CA PHE A 298 24.68 -10.03 -0.51
C PHE A 298 25.48 -9.01 0.29
N LYS A 299 24.96 -7.79 0.37
CA LYS A 299 25.58 -6.71 1.11
C LYS A 299 24.83 -6.54 2.44
N SER A 300 25.51 -6.81 3.55
CA SER A 300 24.90 -6.69 4.87
C SER A 300 24.96 -5.23 5.30
N THR A 301 23.80 -4.58 5.40
CA THR A 301 23.72 -3.19 5.78
C THR A 301 22.29 -2.90 6.22
N SER A 302 22.14 -2.12 7.29
CA SER A 302 20.82 -1.85 7.83
C SER A 302 20.10 -0.81 6.98
N ILE A 303 18.88 -1.15 6.54
CA ILE A 303 18.06 -0.23 5.76
C ILE A 303 16.73 -0.07 6.49
N ASP A 304 16.55 1.07 7.13
CA ASP A 304 15.30 1.36 7.83
C ASP A 304 14.27 1.86 6.82
N GLY A 305 13.10 1.22 6.79
CA GLY A 305 12.05 1.60 5.85
C GLY A 305 10.70 1.13 6.33
N ILE A 306 9.67 1.41 5.53
CA ILE A 306 8.32 1.07 5.92
C ILE A 306 7.71 0.12 4.90
N ALA A 307 6.85 -0.78 5.38
CA ALA A 307 6.09 -1.67 4.50
C ALA A 307 4.80 -0.94 4.13
N ASP A 308 4.68 -0.53 2.87
CA ASP A 308 3.63 0.40 2.46
C ASP A 308 2.93 -0.11 1.20
N THR A 309 1.78 -0.77 1.37
CA THR A 309 1.01 -1.24 0.22
C THR A 309 0.48 -0.09 -0.64
N GLY A 310 0.45 1.13 -0.10
CA GLY A 310 -0.04 2.27 -0.84
C GLY A 310 0.98 2.94 -1.74
N THR A 311 2.24 2.53 -1.69
CA THR A 311 3.28 3.06 -2.56
C THR A 311 3.57 2.05 -3.67
N THR A 312 3.68 2.54 -4.90
CA THR A 312 3.85 1.64 -6.05
C THR A 312 5.24 1.02 -6.08
N LEU A 313 6.27 1.84 -5.91
CA LEU A 313 7.64 1.48 -6.22
C LEU A 313 8.41 1.12 -4.96
N LEU A 314 9.67 0.72 -5.18
CA LEU A 314 10.61 0.42 -4.10
C LEU A 314 11.60 1.59 -4.02
N TYR A 315 11.55 2.33 -2.92
CA TYR A 315 12.36 3.52 -2.73
C TYR A 315 13.46 3.22 -1.72
N LEU A 316 14.71 3.34 -2.15
CA LEU A 316 15.84 2.89 -1.32
C LEU A 316 16.98 3.91 -1.38
N PRO A 317 17.99 3.80 -0.51
CA PRO A 317 19.07 4.81 -0.50
C PRO A 317 19.78 4.91 -1.85
N ALA A 318 20.29 6.11 -2.13
CA ALA A 318 20.89 6.37 -3.44
C ALA A 318 22.04 5.42 -3.75
N THR A 319 22.81 5.04 -2.73
CA THR A 319 23.93 4.13 -2.96
C THR A 319 23.42 2.78 -3.46
N VAL A 320 22.33 2.29 -2.86
CA VAL A 320 21.76 1.00 -3.23
C VAL A 320 21.15 1.06 -4.62
N VAL A 321 20.42 2.13 -4.91
CA VAL A 321 19.74 2.25 -6.20
C VAL A 321 20.75 2.41 -7.33
N SER A 322 21.85 3.14 -7.07
CA SER A 322 22.92 3.23 -8.07
C SER A 322 23.53 1.86 -8.33
N ALA A 323 23.76 1.08 -7.27
CA ALA A 323 24.32 -0.25 -7.44
C ALA A 323 23.42 -1.14 -8.27
N TYR A 324 22.10 -1.00 -8.14
CA TYR A 324 21.20 -1.81 -8.95
C TYR A 324 21.25 -1.42 -10.42
N TRP A 325 21.04 -0.13 -10.72
CA TRP A 325 20.92 0.27 -12.11
C TRP A 325 22.24 0.23 -12.87
N ALA A 326 23.37 0.20 -12.15
CA ALA A 326 24.66 -0.02 -12.80
C ALA A 326 24.72 -1.36 -13.51
N GLN A 327 23.90 -2.33 -13.11
CA GLN A 327 23.86 -3.64 -13.74
C GLN A 327 22.90 -3.70 -14.93
N VAL A 328 22.32 -2.58 -15.32
CA VAL A 328 21.41 -2.54 -16.46
C VAL A 328 22.07 -1.67 -17.52
N SER A 329 22.47 -2.27 -18.64
CA SER A 329 23.20 -1.54 -19.67
CA SER A 329 23.21 -1.54 -19.65
C SER A 329 22.35 -0.42 -20.23
N GLY A 330 22.87 0.81 -20.19
CA GLY A 330 22.15 1.95 -20.72
C GLY A 330 21.22 2.64 -19.74
N ALA A 331 21.04 2.11 -18.54
CA ALA A 331 20.22 2.78 -17.55
C ALA A 331 20.91 4.04 -17.04
N LYS A 332 20.11 5.06 -16.74
CA LYS A 332 20.65 6.31 -16.22
C LYS A 332 19.56 7.05 -15.46
N SER A 333 19.98 7.90 -14.53
CA SER A 333 19.03 8.73 -13.81
C SER A 333 18.75 9.97 -14.65
N SER A 334 17.48 10.20 -14.96
CA SER A 334 17.05 11.31 -15.80
C SER A 334 16.40 12.37 -14.93
N SER A 335 16.97 13.57 -14.92
CA SER A 335 16.40 14.66 -14.14
CA SER A 335 16.40 14.66 -14.14
C SER A 335 15.06 15.11 -14.71
N SER A 336 14.89 15.05 -16.02
CA SER A 336 13.62 15.47 -16.62
C SER A 336 12.52 14.46 -16.33
N VAL A 337 12.82 13.17 -16.42
CA VAL A 337 11.82 12.15 -16.10
C VAL A 337 11.61 12.09 -14.58
N GLY A 338 12.65 12.35 -13.80
CA GLY A 338 12.53 12.29 -12.35
C GLY A 338 12.94 10.97 -11.73
N GLY A 339 13.87 10.26 -12.33
CA GLY A 339 14.35 9.01 -11.76
C GLY A 339 15.09 8.20 -12.80
N TYR A 340 15.42 6.97 -12.41
CA TYR A 340 16.12 6.07 -13.30
C TYR A 340 15.20 5.56 -14.40
N VAL A 341 15.70 5.59 -15.63
CA VAL A 341 15.05 5.01 -16.79
C VAL A 341 16.03 4.03 -17.43
N PHE A 342 15.51 3.15 -18.30
CA PHE A 342 16.36 2.14 -18.90
C PHE A 342 15.81 1.74 -20.26
N PRO A 343 16.65 1.26 -21.16
CA PRO A 343 16.15 0.83 -22.48
C PRO A 343 15.15 -0.30 -22.35
N CYS A 344 13.99 -0.14 -22.98
CA CYS A 344 12.91 -1.11 -22.79
C CYS A 344 13.30 -2.51 -23.20
N SER A 345 14.32 -2.67 -24.07
CA SER A 345 14.77 -3.98 -24.52
C SER A 345 15.68 -4.68 -23.51
N ALA A 346 16.03 -4.02 -22.40
CA ALA A 346 16.94 -4.64 -21.45
C ALA A 346 16.24 -5.74 -20.65
N THR A 347 17.04 -6.72 -20.20
CA THR A 347 16.57 -7.72 -19.25
CA THR A 347 16.58 -7.73 -19.26
C THR A 347 17.05 -7.30 -17.87
N LEU A 348 16.11 -7.03 -16.99
CA LEU A 348 16.44 -6.50 -15.67
C LEU A 348 16.90 -7.62 -14.74
N PRO A 349 17.93 -7.37 -13.93
CA PRO A 349 18.29 -8.33 -12.89
C PRO A 349 17.29 -8.28 -11.74
N SER A 350 17.25 -9.37 -10.99
CA SER A 350 16.43 -9.41 -9.78
C SER A 350 17.04 -8.49 -8.72
N PHE A 351 16.26 -8.26 -7.66
CA PHE A 351 16.73 -7.52 -6.50
C PHE A 351 16.30 -8.28 -5.26
N THR A 352 17.25 -8.54 -4.36
CA THR A 352 17.00 -9.30 -3.14
C THR A 352 17.10 -8.37 -1.94
N PHE A 353 16.15 -8.44 -1.02
CA PHE A 353 16.29 -7.73 0.25
C PHE A 353 16.22 -8.71 1.41
N GLY A 354 16.91 -8.36 2.49
CA GLY A 354 17.02 -9.23 3.65
C GLY A 354 15.98 -8.94 4.71
N VAL A 355 15.43 -10.01 5.28
CA VAL A 355 14.56 -9.96 6.45
C VAL A 355 15.21 -10.88 7.47
N GLY A 356 15.91 -10.30 8.43
CA GLY A 356 16.75 -11.12 9.29
C GLY A 356 17.71 -11.92 8.43
N SER A 357 17.79 -13.22 8.69
CA SER A 357 18.63 -14.11 7.88
CA SER A 357 18.62 -14.10 7.88
C SER A 357 17.93 -14.56 6.61
N ALA A 358 16.64 -14.27 6.45
CA ALA A 358 15.89 -14.69 5.29
C ALA A 358 16.08 -13.70 4.13
N ARG A 359 15.68 -14.14 2.93
CA ARG A 359 15.89 -13.37 1.72
C ARG A 359 14.63 -13.37 0.87
N ILE A 360 14.20 -12.20 0.42
CA ILE A 360 13.08 -12.06 -0.50
C ILE A 360 13.62 -11.61 -1.84
N VAL A 361 13.30 -12.35 -2.90
CA VAL A 361 13.84 -12.10 -4.24
C VAL A 361 12.75 -11.47 -5.09
N ILE A 362 12.98 -10.24 -5.54
CA ILE A 362 12.08 -9.55 -6.46
C ILE A 362 12.53 -9.89 -7.88
N PRO A 363 11.73 -10.62 -8.67
CA PRO A 363 12.13 -10.92 -10.04
C PRO A 363 12.34 -9.64 -10.85
N GLY A 364 13.26 -9.73 -11.81
CA GLY A 364 13.61 -8.56 -12.60
C GLY A 364 12.41 -7.88 -13.24
N ASP A 365 11.47 -8.66 -13.77
CA ASP A 365 10.39 -8.00 -14.50
C ASP A 365 9.42 -7.26 -13.58
N TYR A 366 9.48 -7.48 -12.26
CA TYR A 366 8.68 -6.67 -11.35
C TYR A 366 9.14 -5.22 -11.33
N ILE A 367 10.38 -4.96 -11.81
CA ILE A 367 10.99 -3.63 -11.75
C ILE A 367 10.77 -2.85 -13.05
N ASP A 368 10.05 -3.42 -14.01
CA ASP A 368 9.80 -2.78 -15.30
C ASP A 368 8.44 -2.08 -15.23
N PHE A 369 8.44 -0.74 -15.33
CA PHE A 369 7.19 -0.01 -15.34
C PHE A 369 6.92 0.66 -16.69
N GLY A 370 7.47 0.10 -17.75
CA GLY A 370 6.99 0.39 -19.09
C GLY A 370 7.45 1.73 -19.62
N PRO A 371 7.06 2.03 -20.86
CA PRO A 371 7.54 3.25 -21.51
C PRO A 371 7.21 4.51 -20.72
N ILE A 372 8.16 5.45 -20.69
CA ILE A 372 7.98 6.68 -19.92
C ILE A 372 6.83 7.50 -20.48
N SER A 373 6.59 7.41 -21.78
CA SER A 373 5.43 7.98 -22.46
C SER A 373 5.03 7.01 -23.56
N THR A 374 3.76 7.08 -23.97
CA THR A 374 3.27 6.14 -24.97
C THR A 374 4.15 6.14 -26.21
N GLY A 375 4.58 4.96 -26.62
CA GLY A 375 5.38 4.78 -27.81
C GLY A 375 6.88 4.92 -27.61
N SER A 376 7.33 5.32 -26.42
CA SER A 376 8.75 5.50 -26.17
C SER A 376 9.44 4.15 -25.97
N SER A 377 10.70 4.09 -26.37
CA SER A 377 11.54 2.93 -26.09
C SER A 377 12.39 3.12 -24.83
N SER A 378 12.15 4.18 -24.07
CA SER A 378 12.76 4.37 -22.75
C SER A 378 11.72 3.99 -21.70
N CYS A 379 12.14 3.18 -20.71
CA CYS A 379 11.22 2.58 -19.75
C CYS A 379 11.53 3.07 -18.34
N PHE A 380 10.50 3.18 -17.51
CA PHE A 380 10.68 3.69 -16.15
C PHE A 380 11.03 2.58 -15.18
N GLY A 381 12.01 2.85 -14.32
CA GLY A 381 12.45 1.85 -13.36
C GLY A 381 11.57 1.79 -12.12
N GLY A 382 11.43 0.58 -11.58
CA GLY A 382 10.63 0.35 -10.40
C GLY A 382 11.37 0.45 -9.08
N ILE A 383 12.68 0.67 -9.13
CA ILE A 383 13.50 0.94 -7.95
C ILE A 383 14.06 2.36 -8.12
N GLN A 384 13.83 3.21 -7.13
CA GLN A 384 14.19 4.62 -7.22
C GLN A 384 14.78 5.11 -5.91
N SER A 385 15.51 6.21 -5.98
CA SER A 385 16.15 6.77 -4.80
C SER A 385 15.12 7.38 -3.85
N SER A 386 15.31 7.12 -2.56
CA SER A 386 14.47 7.71 -1.52
C SER A 386 14.99 9.07 -1.06
N ALA A 387 16.01 9.62 -1.72
CA ALA A 387 16.65 10.84 -1.24
C ALA A 387 15.67 12.00 -1.15
N GLY A 388 14.82 12.15 -2.18
CA GLY A 388 13.84 13.22 -2.13
C GLY A 388 12.72 12.99 -1.13
N ILE A 389 12.33 11.72 -0.94
CA ILE A 389 11.21 11.40 -0.08
C ILE A 389 11.59 11.53 1.40
N GLY A 390 12.83 11.21 1.75
CA GLY A 390 13.27 11.29 3.13
C GLY A 390 13.04 10.04 3.95
N ILE A 391 12.45 9.00 3.38
CA ILE A 391 12.23 7.73 4.06
C ILE A 391 12.30 6.63 3.02
N ASN A 392 12.82 5.47 3.41
CA ASN A 392 12.84 4.33 2.52
C ASN A 392 11.49 3.63 2.54
N ILE A 393 10.99 3.24 1.37
CA ILE A 393 9.64 2.68 1.27
C ILE A 393 9.68 1.36 0.52
N PHE A 394 9.36 0.28 1.24
CA PHE A 394 9.12 -1.02 0.61
C PHE A 394 7.67 -1.02 0.13
N GLY A 395 7.47 -0.50 -1.09
CA GLY A 395 6.16 -0.44 -1.70
C GLY A 395 5.82 -1.72 -2.44
N ASP A 396 4.83 -1.62 -3.34
CA ASP A 396 4.26 -2.81 -3.96
C ASP A 396 5.30 -3.64 -4.70
N VAL A 397 6.29 -2.98 -5.32
CA VAL A 397 7.32 -3.73 -6.05
C VAL A 397 7.98 -4.77 -5.15
N ALA A 398 8.25 -4.40 -3.89
CA ALA A 398 8.87 -5.34 -2.98
C ALA A 398 7.84 -6.26 -2.33
N LEU A 399 6.73 -5.70 -1.85
CA LEU A 399 5.77 -6.49 -1.09
C LEU A 399 5.12 -7.58 -1.95
N LYS A 400 4.93 -7.35 -3.24
CA LYS A 400 4.24 -8.35 -4.05
C LYS A 400 5.12 -9.56 -4.33
N ALA A 401 6.41 -9.49 -4.02
CA ALA A 401 7.26 -10.65 -4.08
C ALA A 401 7.18 -11.51 -2.83
N ALA A 402 6.33 -11.13 -1.86
CA ALA A 402 6.28 -11.82 -0.58
C ALA A 402 4.84 -12.00 -0.12
N PHE A 403 4.67 -12.95 0.79
CA PHE A 403 3.50 -13.03 1.66
C PHE A 403 3.85 -12.27 2.93
N VAL A 404 3.08 -11.23 3.24
CA VAL A 404 3.46 -10.26 4.26
C VAL A 404 2.45 -10.29 5.39
N VAL A 405 2.94 -10.48 6.60
CA VAL A 405 2.10 -10.56 7.80
C VAL A 405 2.26 -9.25 8.56
N PHE A 406 1.13 -8.56 8.76
CA PHE A 406 1.08 -7.36 9.60
C PHE A 406 0.50 -7.79 10.94
N ASN A 407 1.37 -8.05 11.91
CA ASN A 407 0.99 -8.63 13.19
C ASN A 407 0.71 -7.49 14.16
N GLY A 408 -0.57 -7.31 14.52
CA GLY A 408 -0.96 -6.21 15.38
C GLY A 408 -1.12 -6.60 16.83
N ALA A 409 -0.30 -7.54 17.29
CA ALA A 409 -0.27 -7.90 18.71
C ALA A 409 0.21 -6.71 19.55
N THR A 410 0.19 -6.89 20.88
CA THR A 410 0.54 -5.79 21.79
C THR A 410 1.87 -5.14 21.40
N THR A 411 2.87 -5.95 21.08
CA THR A 411 4.07 -5.45 20.43
C THR A 411 4.02 -5.86 18.95
N PRO A 412 3.69 -4.95 18.04
CA PRO A 412 3.53 -5.34 16.64
C PRO A 412 4.84 -5.81 16.02
N THR A 413 4.71 -6.73 15.05
CA THR A 413 5.82 -7.22 14.26
C THR A 413 5.38 -7.36 12.80
N LEU A 414 6.36 -7.59 11.94
CA LEU A 414 6.16 -7.78 10.51
CA LEU A 414 6.15 -7.77 10.51
C LEU A 414 6.74 -9.11 10.10
N GLY A 415 6.01 -9.88 9.31
CA GLY A 415 6.46 -11.17 8.83
C GLY A 415 6.55 -11.20 7.32
N PHE A 416 7.59 -11.86 6.80
CA PHE A 416 7.79 -12.01 5.36
C PHE A 416 8.06 -13.47 5.03
N ALA A 417 7.38 -13.99 4.01
CA ALA A 417 7.69 -15.29 3.45
C ALA A 417 7.75 -15.21 1.93
N SER A 418 8.57 -16.07 1.33
CA SER A 418 8.52 -16.23 -0.12
C SER A 418 7.23 -16.93 -0.51
N LYS A 419 6.90 -16.88 -1.79
CA LYS A 419 5.64 -17.48 -2.24
C LYS A 419 5.72 -17.91 -3.69
CAB TVI B . -1.29 7.13 -0.61
CAC TVI B . 0.01 6.72 -1.28
CAD TVI B . -0.42 6.80 -2.74
CAF TVI B . -1.73 8.29 -1.48
CAH TVI B . 2.30 7.13 -0.51
CAI TVI B . 3.06 8.18 -0.28
CAJ TVI B . 4.51 8.12 0.21
CAL TVI B . 5.54 8.83 -1.78
CAM TVI B . 5.21 7.60 -2.35
CAO TVI B . 6.02 8.35 -4.49
CAP TVI B . 6.35 9.57 -3.92
CAR TVI B . 6.12 9.82 -2.58
NAE TVI B . -1.21 8.03 -2.85
NAG TVI B . 1.15 7.63 -0.93
NAN TVI B . 5.44 7.36 -3.70
NAS TVI B . 2.37 9.26 -0.57
NAT TVI B . 1.25 8.90 -0.94
OAA TVI B . -2.22 6.04 -0.72
OAK TVI B . 5.32 9.10 -0.46
BRAQ TVI B . 7.12 10.91 -5.00
#